data_1P83
#
_entry.id   1P83
#
_entity_poly.entity_id   1
_entity_poly.type   'polypeptide(L)'
_entity_poly.pdbx_seq_one_letter_code
;AKVNIKPLEDKILVQANEAETTTAS
;
_entity_poly.pdbx_strand_id   A
#
# COMPACT_ATOMS: atom_id res chain seq x y z
N ALA A 1 -7.93 10.35 4.18
CA ALA A 1 -7.95 9.70 2.87
C ALA A 1 -6.92 8.57 2.85
N LYS A 2 -6.70 8.04 1.66
CA LYS A 2 -5.74 6.96 1.49
C LYS A 2 -4.65 7.08 2.55
N VAL A 3 -4.21 8.31 2.77
CA VAL A 3 -3.17 8.58 3.75
C VAL A 3 -3.47 7.79 5.03
N ASN A 4 -4.18 8.44 5.95
CA ASN A 4 -4.53 7.82 7.20
C ASN A 4 -5.30 6.52 6.93
N ILE A 5 -5.86 6.44 5.73
CA ILE A 5 -6.62 5.28 5.33
C ILE A 5 -5.67 4.20 4.83
N LYS A 6 -5.17 3.41 5.78
CA LYS A 6 -4.25 2.34 5.46
C LYS A 6 -2.94 2.94 4.93
N PRO A 7 -2.29 3.73 5.81
CA PRO A 7 -1.03 4.37 5.45
C PRO A 7 0.12 3.37 5.46
N LEU A 8 0.01 2.41 6.37
CA LEU A 8 1.03 1.38 6.51
C LEU A 8 0.69 0.20 5.58
N GLU A 9 -0.62 -0.02 5.43
CA GLU A 9 -1.09 -1.10 4.59
C GLU A 9 -0.55 -0.94 3.16
N ASP A 10 -0.10 0.27 2.87
CA ASP A 10 0.44 0.58 1.56
C ASP A 10 1.97 0.50 1.60
N LYS A 11 2.49 0.41 2.82
CA LYS A 11 3.92 0.33 3.02
C LYS A 11 4.31 -1.11 3.34
N ILE A 12 3.35 -1.85 3.86
CA ILE A 12 3.57 -3.24 4.21
C ILE A 12 3.15 -4.13 3.05
N LEU A 13 2.36 -3.55 2.16
CA LEU A 13 1.89 -4.28 0.99
C LEU A 13 2.90 -4.14 -0.15
N VAL A 14 3.17 -2.88 -0.50
CA VAL A 14 4.11 -2.59 -1.56
C VAL A 14 5.28 -3.58 -1.48
N GLN A 15 5.51 -4.08 -0.29
CA GLN A 15 6.59 -5.04 -0.07
C GLN A 15 6.30 -6.34 -0.81
N ALA A 16 5.12 -6.88 -0.55
CA ALA A 16 4.70 -8.12 -1.18
C ALA A 16 4.44 -7.88 -2.67
N ASN A 17 4.38 -6.60 -3.01
CA ASN A 17 4.14 -6.21 -4.40
C ASN A 17 5.48 -6.08 -5.12
N GLU A 18 6.48 -5.64 -4.39
CA GLU A 18 7.81 -5.46 -4.95
C GLU A 18 8.02 -4.00 -5.38
N ALA A 19 6.91 -3.27 -5.46
CA ALA A 19 6.95 -1.88 -5.85
C ALA A 19 5.71 -1.54 -6.67
N GLU A 20 4.94 -2.58 -6.97
CA GLU A 20 3.72 -2.41 -7.74
C GLU A 20 2.65 -1.71 -6.91
N THR A 21 1.87 -2.51 -6.21
CA THR A 21 0.81 -1.98 -5.36
C THR A 21 -0.20 -3.06 -5.03
N THR A 22 -0.55 -3.84 -6.05
CA THR A 22 -1.52 -4.91 -5.88
C THR A 22 -1.30 -5.99 -6.95
N THR A 23 -1.41 -5.57 -8.19
CA THR A 23 -1.24 -6.47 -9.31
C THR A 23 -0.17 -5.94 -10.28
N ALA A 24 -0.13 -6.53 -11.47
CA ALA A 24 0.82 -6.12 -12.48
C ALA A 24 0.48 -4.71 -12.96
N SER A 25 1.36 -3.79 -12.62
CA SER A 25 1.17 -2.40 -13.01
C SER A 25 1.88 -2.12 -14.33
N ALA A 1 -14.77 -0.42 8.82
CA ALA A 1 -14.69 1.02 8.97
C ALA A 1 -13.30 1.49 8.55
N LYS A 2 -12.74 0.80 7.57
CA LYS A 2 -11.42 1.13 7.06
C LYS A 2 -11.43 2.57 6.54
N VAL A 3 -10.72 2.77 5.44
CA VAL A 3 -10.64 4.09 4.84
C VAL A 3 -9.51 4.88 5.49
N ASN A 4 -9.14 4.45 6.69
CA ASN A 4 -8.09 5.10 7.44
C ASN A 4 -6.74 4.57 6.96
N ILE A 5 -6.69 3.26 6.75
CA ILE A 5 -5.47 2.62 6.29
C ILE A 5 -4.95 3.34 5.05
N LYS A 6 -3.94 2.74 4.43
CA LYS A 6 -3.36 3.32 3.23
C LYS A 6 -1.90 3.70 3.51
N PRO A 7 -1.70 4.37 4.68
CA PRO A 7 -0.37 4.80 5.08
C PRO A 7 0.48 3.62 5.56
N LEU A 8 -0.23 2.62 6.09
CA LEU A 8 0.44 1.43 6.59
C LEU A 8 0.19 0.27 5.63
N GLU A 9 -0.92 0.36 4.92
CA GLU A 9 -1.29 -0.69 3.97
C GLU A 9 -0.49 -0.53 2.68
N ASP A 10 0.19 0.61 2.57
CA ASP A 10 1.00 0.89 1.41
C ASP A 10 2.47 0.59 1.71
N LYS A 11 2.74 0.36 3.00
CA LYS A 11 4.09 0.06 3.44
C LYS A 11 4.22 -1.44 3.66
N ILE A 12 3.08 -2.08 3.94
CA ILE A 12 3.06 -3.51 4.17
C ILE A 12 2.75 -4.23 2.86
N LEU A 13 2.23 -3.47 1.91
CA LEU A 13 1.89 -4.02 0.61
C LEU A 13 3.08 -3.87 -0.33
N VAL A 14 3.52 -2.64 -0.49
CA VAL A 14 4.65 -2.35 -1.35
C VAL A 14 5.71 -3.45 -1.20
N GLN A 15 5.67 -4.09 -0.04
CA GLN A 15 6.61 -5.16 0.25
C GLN A 15 6.21 -6.44 -0.49
N ALA A 16 4.98 -6.87 -0.23
CA ALA A 16 4.47 -8.09 -0.86
C ALA A 16 4.04 -7.75 -2.29
N ASN A 17 4.05 -6.47 -2.60
CA ASN A 17 3.66 -6.01 -3.93
C ASN A 17 4.92 -5.86 -4.79
N GLU A 18 6.02 -5.51 -4.13
CA GLU A 18 7.28 -5.34 -4.83
C GLU A 18 7.48 -3.87 -5.20
N ALA A 19 6.43 -3.09 -4.97
CA ALA A 19 6.47 -1.67 -5.29
C ALA A 19 5.37 -1.34 -6.28
N GLU A 20 4.56 -2.35 -6.57
CA GLU A 20 3.45 -2.17 -7.50
C GLU A 20 2.25 -1.58 -6.79
N THR A 21 1.44 -2.47 -6.22
CA THR A 21 0.25 -2.04 -5.50
C THR A 21 -0.74 -1.37 -6.47
N THR A 22 -1.63 -0.57 -5.88
CA THR A 22 -2.63 0.13 -6.67
C THR A 22 -2.06 1.46 -7.18
N THR A 23 -2.97 2.39 -7.45
CA THR A 23 -2.57 3.70 -7.94
C THR A 23 -1.49 4.30 -7.05
N ALA A 24 -0.87 5.36 -7.54
CA ALA A 24 0.18 6.03 -6.80
C ALA A 24 0.35 7.45 -7.35
N SER A 25 1.16 8.23 -6.64
CA SER A 25 1.42 9.60 -7.03
C SER A 25 2.55 9.65 -8.07
N ALA A 1 -3.41 6.10 0.97
CA ALA A 1 -2.62 7.31 1.07
C ALA A 1 -1.86 7.30 2.40
N LYS A 2 -0.56 7.54 2.30
CA LYS A 2 0.30 7.56 3.47
C LYS A 2 -0.48 8.13 4.65
N VAL A 3 -1.38 9.06 4.34
CA VAL A 3 -2.20 9.70 5.36
C VAL A 3 -2.81 8.62 6.25
N ASN A 4 -4.11 8.42 6.07
CA ASN A 4 -4.83 7.44 6.86
C ASN A 4 -5.22 6.26 5.96
N ILE A 5 -5.15 6.51 4.66
CA ILE A 5 -5.49 5.48 3.68
C ILE A 5 -4.30 4.55 3.49
N LYS A 6 -4.53 3.28 3.78
CA LYS A 6 -3.49 2.27 3.64
C LYS A 6 -2.14 2.90 4.01
N PRO A 7 -2.09 3.47 5.24
CA PRO A 7 -0.87 4.10 5.72
C PRO A 7 0.17 3.06 6.12
N LEU A 8 -0.33 1.90 6.54
CA LEU A 8 0.54 0.81 6.96
C LEU A 8 0.38 -0.36 5.99
N GLU A 9 -0.83 -0.49 5.46
CA GLU A 9 -1.12 -1.56 4.53
C GLU A 9 -0.46 -1.29 3.18
N ASP A 10 -0.04 -0.04 3.01
CA ASP A 10 0.62 0.36 1.77
C ASP A 10 2.13 0.30 1.95
N LYS A 11 2.54 0.08 3.20
CA LYS A 11 3.95 0.00 3.53
C LYS A 11 4.34 -1.47 3.71
N ILE A 12 3.36 -2.26 4.08
CA ILE A 12 3.58 -3.69 4.28
C ILE A 12 3.28 -4.44 2.99
N LEU A 13 2.55 -3.78 2.11
CA LEU A 13 2.18 -4.36 0.83
C LEU A 13 3.25 -4.04 -0.21
N VAL A 14 3.47 -2.73 -0.38
CA VAL A 14 4.46 -2.28 -1.35
C VAL A 14 5.69 -3.20 -1.29
N GLN A 15 5.85 -3.85 -0.16
CA GLN A 15 6.97 -4.75 0.04
C GLN A 15 6.70 -6.08 -0.70
N ALA A 16 5.60 -6.70 -0.33
CA ALA A 16 5.22 -7.98 -0.93
C ALA A 16 4.62 -7.71 -2.31
N ASN A 17 4.40 -6.43 -2.60
CA ASN A 17 3.83 -6.04 -3.88
C ASN A 17 4.96 -5.69 -4.84
N GLU A 18 6.05 -5.18 -4.28
CA GLU A 18 7.20 -4.80 -5.08
C GLU A 18 7.13 -3.33 -5.45
N ALA A 19 6.00 -2.72 -5.12
CA ALA A 19 5.79 -1.30 -5.41
C ALA A 19 4.53 -1.14 -6.25
N GLU A 20 3.86 -2.27 -6.48
CA GLU A 20 2.64 -2.26 -7.27
C GLU A 20 1.46 -1.81 -6.41
N THR A 21 0.85 -2.77 -5.73
CA THR A 21 -0.29 -2.49 -4.88
C THR A 21 -1.45 -1.94 -5.71
N THR A 22 -2.25 -1.09 -5.07
CA THR A 22 -3.39 -0.50 -5.74
C THR A 22 -3.02 0.88 -6.31
N THR A 23 -2.58 1.75 -5.41
CA THR A 23 -2.20 3.09 -5.81
C THR A 23 -0.74 3.11 -6.27
N ALA A 24 -0.19 4.32 -6.35
CA ALA A 24 1.19 4.49 -6.77
C ALA A 24 2.00 5.09 -5.62
N SER A 25 1.73 6.37 -5.36
CA SER A 25 2.41 7.07 -4.29
C SER A 25 1.41 7.72 -3.34
N ALA A 1 -10.71 -0.75 7.82
CA ALA A 1 -9.69 -1.67 7.35
C ALA A 1 -8.73 -0.92 6.42
N LYS A 2 -7.92 -1.69 5.71
CA LYS A 2 -6.96 -1.12 4.79
C LYS A 2 -7.48 0.22 4.27
N VAL A 3 -8.75 0.22 3.90
CA VAL A 3 -9.39 1.42 3.39
C VAL A 3 -8.87 2.63 4.17
N ASN A 4 -9.44 2.83 5.35
CA ASN A 4 -9.05 3.94 6.20
C ASN A 4 -7.52 4.05 6.21
N ILE A 5 -6.88 2.90 6.19
CA ILE A 5 -5.42 2.85 6.21
C ILE A 5 -4.89 3.46 4.91
N LYS A 6 -3.89 2.80 4.36
CA LYS A 6 -3.29 3.26 3.12
C LYS A 6 -1.82 3.63 3.38
N PRO A 7 -1.62 4.38 4.50
CA PRO A 7 -0.28 4.80 4.88
C PRO A 7 0.53 3.64 5.45
N LEU A 8 -0.19 2.68 6.02
CA LEU A 8 0.44 1.51 6.60
C LEU A 8 0.19 0.30 5.71
N GLU A 9 -0.87 0.39 4.92
CA GLU A 9 -1.23 -0.69 4.02
C GLU A 9 -0.43 -0.58 2.72
N ASP A 10 0.26 0.53 2.58
CA ASP A 10 1.07 0.76 1.40
C ASP A 10 2.53 0.41 1.69
N LYS A 11 2.83 0.33 2.98
CA LYS A 11 4.18 0.00 3.42
C LYS A 11 4.28 -1.51 3.65
N ILE A 12 3.13 -2.12 3.93
CA ILE A 12 3.08 -3.55 4.17
C ILE A 12 2.78 -4.27 2.86
N LEU A 13 2.25 -3.51 1.91
CA LEU A 13 1.90 -4.06 0.61
C LEU A 13 3.10 -3.92 -0.33
N VAL A 14 3.56 -2.69 -0.49
CA VAL A 14 4.69 -2.40 -1.35
C VAL A 14 5.72 -3.52 -1.21
N GLN A 15 5.69 -4.17 -0.05
CA GLN A 15 6.62 -5.26 0.22
C GLN A 15 6.19 -6.52 -0.55
N ALA A 16 4.97 -6.95 -0.29
CA ALA A 16 4.43 -8.13 -0.94
C ALA A 16 4.01 -7.78 -2.37
N ASN A 17 4.05 -6.48 -2.65
CA ASN A 17 3.67 -6.00 -3.97
C ASN A 17 4.93 -5.80 -4.81
N GLU A 18 6.01 -5.44 -4.13
CA GLU A 18 7.28 -5.20 -4.80
C GLU A 18 7.44 -3.73 -5.12
N ALA A 19 6.37 -2.98 -4.91
CA ALA A 19 6.39 -1.54 -5.18
C ALA A 19 5.14 -1.17 -5.99
N GLU A 20 4.34 -2.19 -6.29
CA GLU A 20 3.13 -1.97 -7.06
C GLU A 20 2.02 -1.43 -6.16
N THR A 21 1.25 -2.36 -5.59
CA THR A 21 0.16 -1.98 -4.71
C THR A 21 -0.60 -0.79 -5.29
N THR A 22 -0.17 0.39 -4.89
CA THR A 22 -0.80 1.62 -5.35
C THR A 22 0.25 2.69 -5.63
N THR A 23 1.02 3.00 -4.59
CA THR A 23 2.07 4.00 -4.70
C THR A 23 3.34 3.38 -5.28
N ALA A 24 4.40 4.18 -5.25
CA ALA A 24 5.68 3.72 -5.78
C ALA A 24 6.66 3.51 -4.61
N SER A 25 7.01 4.62 -3.98
CA SER A 25 7.93 4.58 -2.85
C SER A 25 7.16 4.75 -1.54
N ALA A 1 -8.05 9.10 1.89
CA ALA A 1 -8.28 8.93 3.32
C ALA A 1 -7.09 8.19 3.93
N LYS A 2 -6.30 8.93 4.70
CA LYS A 2 -5.14 8.36 5.35
C LYS A 2 -5.41 6.89 5.67
N VAL A 3 -6.63 6.62 6.11
CA VAL A 3 -7.02 5.27 6.46
C VAL A 3 -6.94 4.38 5.21
N ASN A 4 -8.06 4.33 4.50
CA ASN A 4 -8.14 3.52 3.29
C ASN A 4 -6.83 3.69 2.50
N ILE A 5 -6.23 4.85 2.66
CA ILE A 5 -4.98 5.15 1.96
C ILE A 5 -3.98 4.01 2.21
N LYS A 6 -4.06 3.46 3.42
CA LYS A 6 -3.18 2.37 3.80
C LYS A 6 -1.81 2.95 4.19
N PRO A 7 -1.76 3.52 5.42
CA PRO A 7 -0.53 4.12 5.92
C PRO A 7 0.45 3.03 6.37
N LEU A 8 -0.11 1.92 6.83
CA LEU A 8 0.70 0.81 7.28
C LEU A 8 0.47 -0.40 6.37
N GLU A 9 -0.66 -0.36 5.67
CA GLU A 9 -1.01 -1.44 4.76
C GLU A 9 -0.40 -1.19 3.38
N ASP A 10 0.19 -0.02 3.23
CA ASP A 10 0.83 0.36 1.98
C ASP A 10 2.34 0.19 2.10
N LYS A 11 2.80 0.10 3.35
CA LYS A 11 4.21 -0.05 3.61
C LYS A 11 4.53 -1.54 3.78
N ILE A 12 3.50 -2.30 4.15
CA ILE A 12 3.66 -3.72 4.35
C ILE A 12 3.29 -4.46 3.06
N LEU A 13 2.57 -3.76 2.20
CA LEU A 13 2.15 -4.32 0.93
C LEU A 13 3.19 -4.01 -0.13
N VAL A 14 3.46 -2.72 -0.29
CA VAL A 14 4.43 -2.26 -1.27
C VAL A 14 5.62 -3.24 -1.30
N GLN A 15 5.80 -3.92 -0.18
CA GLN A 15 6.88 -4.89 -0.06
C GLN A 15 6.54 -6.17 -0.82
N ALA A 16 5.42 -6.76 -0.44
CA ALA A 16 4.97 -7.98 -1.08
C ALA A 16 4.36 -7.65 -2.43
N ASN A 17 4.19 -6.37 -2.68
CA ASN A 17 3.62 -5.90 -3.93
C ASN A 17 4.74 -5.51 -4.88
N GLU A 18 5.83 -5.04 -4.31
CA GLU A 18 6.98 -4.63 -5.09
C GLU A 18 6.92 -3.13 -5.39
N ALA A 19 5.79 -2.54 -5.05
CA ALA A 19 5.59 -1.12 -5.28
C ALA A 19 4.21 -0.89 -5.92
N GLU A 20 3.52 -2.00 -6.16
CA GLU A 20 2.20 -1.94 -6.77
C GLU A 20 1.15 -1.56 -5.73
N THR A 21 0.59 -2.58 -5.10
CA THR A 21 -0.42 -2.36 -4.08
C THR A 21 -1.36 -1.22 -4.50
N THR A 22 -2.44 -1.62 -5.16
CA THR A 22 -3.43 -0.65 -5.61
C THR A 22 -4.84 -1.16 -5.35
N THR A 23 -5.06 -2.42 -5.68
CA THR A 23 -6.35 -3.04 -5.49
C THR A 23 -6.68 -3.13 -3.99
N ALA A 24 -7.93 -3.50 -3.71
CA ALA A 24 -8.37 -3.64 -2.33
C ALA A 24 -7.94 -2.40 -1.54
N SER A 25 -8.07 -1.24 -2.18
CA SER A 25 -7.70 0.01 -1.55
C SER A 25 -8.84 0.49 -0.65
N ALA A 1 -7.06 4.72 7.62
CA ALA A 1 -6.18 3.58 7.83
C ALA A 1 -6.89 2.29 7.41
N LYS A 2 -6.12 1.41 6.79
CA LYS A 2 -6.66 0.15 6.33
C LYS A 2 -7.63 0.40 5.17
N VAL A 3 -8.43 1.45 5.33
CA VAL A 3 -9.39 1.80 4.30
C VAL A 3 -8.65 2.23 3.02
N ASN A 4 -8.79 3.49 2.69
CA ASN A 4 -8.14 4.03 1.50
C ASN A 4 -6.80 4.64 1.89
N ILE A 5 -6.69 5.01 3.17
CA ILE A 5 -5.48 5.60 3.67
C ILE A 5 -4.28 4.73 3.28
N LYS A 6 -4.26 3.52 3.83
CA LYS A 6 -3.19 2.58 3.54
C LYS A 6 -1.87 3.16 4.06
N PRO A 7 -1.87 3.54 5.36
CA PRO A 7 -0.69 4.10 5.98
C PRO A 7 0.35 3.01 6.26
N LEU A 8 -0.14 1.86 6.69
CA LEU A 8 0.72 0.73 7.00
C LEU A 8 0.51 -0.37 5.96
N GLU A 9 -0.74 -0.52 5.55
CA GLU A 9 -1.10 -1.53 4.56
C GLU A 9 -0.45 -1.20 3.22
N ASP A 10 0.11 -0.01 3.13
CA ASP A 10 0.76 0.44 1.92
C ASP A 10 2.28 0.33 2.08
N LYS A 11 2.69 0.08 3.31
CA LYS A 11 4.11 -0.05 3.62
C LYS A 11 4.46 -1.53 3.78
N ILE A 12 3.44 -2.30 4.14
CA ILE A 12 3.62 -3.73 4.34
C ILE A 12 3.27 -4.47 3.04
N LEU A 13 2.57 -3.75 2.17
CA LEU A 13 2.17 -4.32 0.90
C LEU A 13 3.22 -4.01 -0.16
N VAL A 14 3.48 -2.73 -0.33
CA VAL A 14 4.46 -2.28 -1.30
C VAL A 14 5.66 -3.23 -1.28
N GLN A 15 5.83 -3.90 -0.15
CA GLN A 15 6.92 -4.84 0.00
C GLN A 15 6.61 -6.14 -0.74
N ALA A 16 5.50 -6.74 -0.38
CA ALA A 16 5.07 -7.98 -0.99
C ALA A 16 4.47 -7.69 -2.37
N ASN A 17 4.27 -6.41 -2.62
CA ASN A 17 3.70 -5.98 -3.89
C ASN A 17 4.83 -5.65 -4.86
N GLU A 18 5.94 -5.17 -4.31
CA GLU A 18 7.09 -4.82 -5.11
C GLU A 18 7.06 -3.33 -5.46
N ALA A 19 5.95 -2.70 -5.11
CA ALA A 19 5.77 -1.28 -5.38
C ALA A 19 4.52 -1.07 -6.22
N GLU A 20 3.81 -2.17 -6.45
CA GLU A 20 2.58 -2.13 -7.23
C GLU A 20 1.41 -1.66 -6.36
N THR A 21 0.80 -2.62 -5.68
CA THR A 21 -0.33 -2.32 -4.82
C THR A 21 -1.48 -1.72 -5.64
N THR A 22 -2.63 -1.58 -4.97
CA THR A 22 -3.80 -1.04 -5.62
C THR A 22 -3.85 0.48 -5.45
N THR A 23 -4.87 1.08 -6.05
CA THR A 23 -5.04 2.52 -5.97
C THR A 23 -3.69 3.23 -6.10
N ALA A 24 -3.65 4.47 -5.63
CA ALA A 24 -2.43 5.25 -5.69
C ALA A 24 -1.74 5.03 -7.04
N SER A 25 -2.32 5.64 -8.06
CA SER A 25 -1.78 5.50 -9.41
C SER A 25 -0.28 5.80 -9.39
N ALA A 1 -2.39 6.24 -1.42
CA ALA A 1 -3.34 6.87 -0.52
C ALA A 1 -2.94 8.34 -0.32
N LYS A 2 -3.39 9.17 -1.25
CA LYS A 2 -3.10 10.59 -1.19
C LYS A 2 -3.17 11.06 0.27
N VAL A 3 -4.04 10.41 1.02
CA VAL A 3 -4.20 10.74 2.43
C VAL A 3 -3.40 9.76 3.29
N ASN A 4 -4.10 9.13 4.21
CA ASN A 4 -3.47 8.17 5.09
C ASN A 4 -3.84 6.75 4.66
N ILE A 5 -4.96 6.66 3.95
CA ILE A 5 -5.44 5.38 3.47
C ILE A 5 -4.25 4.41 3.32
N LYS A 6 -4.48 3.18 3.74
CA LYS A 6 -3.45 2.16 3.67
C LYS A 6 -2.10 2.78 4.02
N PRO A 7 -2.06 3.43 5.22
CA PRO A 7 -0.84 4.06 5.68
C PRO A 7 0.17 3.03 6.17
N LEU A 8 -0.35 1.91 6.65
CA LEU A 8 0.49 0.84 7.15
C LEU A 8 0.31 -0.40 6.26
N GLU A 9 -0.81 -0.42 5.56
CA GLU A 9 -1.11 -1.53 4.67
C GLU A 9 -0.49 -1.30 3.30
N ASP A 10 0.02 -0.10 3.11
CA ASP A 10 0.65 0.27 1.85
C ASP A 10 2.16 0.16 1.99
N LYS A 11 2.61 0.12 3.24
CA LYS A 11 4.03 0.02 3.52
C LYS A 11 4.41 -1.45 3.71
N ILE A 12 3.40 -2.24 4.09
CA ILE A 12 3.61 -3.66 4.31
C ILE A 12 3.29 -4.42 3.03
N LEU A 13 2.55 -3.76 2.16
CA LEU A 13 2.17 -4.37 0.89
C LEU A 13 3.22 -4.04 -0.17
N VAL A 14 3.43 -2.74 -0.36
CA VAL A 14 4.41 -2.27 -1.33
C VAL A 14 5.63 -3.20 -1.30
N GLN A 15 5.82 -3.84 -0.15
CA GLN A 15 6.94 -4.75 0.01
C GLN A 15 6.66 -6.07 -0.72
N ALA A 16 5.56 -6.69 -0.36
CA ALA A 16 5.17 -7.96 -0.97
C ALA A 16 4.57 -7.68 -2.35
N ASN A 17 4.36 -6.41 -2.63
CA ASN A 17 3.80 -6.00 -3.90
C ASN A 17 4.93 -5.65 -4.87
N GLU A 18 6.02 -5.13 -4.30
CA GLU A 18 7.17 -4.75 -5.09
C GLU A 18 7.10 -3.27 -5.46
N ALA A 19 5.96 -2.67 -5.12
CA ALA A 19 5.75 -1.26 -5.41
C ALA A 19 4.49 -1.09 -6.26
N GLU A 20 3.82 -2.22 -6.49
CA GLU A 20 2.61 -2.22 -7.29
C GLU A 20 1.42 -1.77 -6.43
N THR A 21 0.82 -2.74 -5.76
CA THR A 21 -0.32 -2.47 -4.91
C THR A 21 -1.49 -1.94 -5.75
N THR A 22 -2.56 -1.58 -5.05
CA THR A 22 -3.74 -1.05 -5.71
C THR A 22 -3.87 0.45 -5.43
N THR A 23 -4.96 1.01 -5.94
CA THR A 23 -5.22 2.43 -5.76
C THR A 23 -3.92 3.23 -5.85
N ALA A 24 -3.84 4.28 -5.04
CA ALA A 24 -2.66 5.12 -5.02
C ALA A 24 -2.18 5.35 -6.45
N SER A 25 -1.18 4.59 -6.84
CA SER A 25 -0.63 4.69 -8.18
C SER A 25 -1.08 3.51 -9.03
N ALA A 1 -10.59 7.79 4.07
CA ALA A 1 -9.37 8.26 4.69
C ALA A 1 -8.86 7.19 5.67
N LYS A 2 -7.59 7.31 6.00
CA LYS A 2 -6.97 6.37 6.91
C LYS A 2 -7.03 4.96 6.30
N VAL A 3 -8.27 4.52 6.08
CA VAL A 3 -8.49 3.20 5.51
C VAL A 3 -7.75 3.10 4.17
N ASN A 4 -8.47 3.41 3.10
CA ASN A 4 -7.90 3.35 1.77
C ASN A 4 -6.51 3.97 1.79
N ILE A 5 -6.31 4.87 2.74
CA ILE A 5 -5.02 5.55 2.88
C ILE A 5 -3.91 4.50 3.04
N LYS A 6 -4.30 3.36 3.61
CA LYS A 6 -3.35 2.29 3.82
C LYS A 6 -1.97 2.87 4.16
N PRO A 7 -1.89 3.50 5.36
CA PRO A 7 -0.64 4.10 5.80
C PRO A 7 0.35 3.03 6.24
N LEU A 8 -0.19 1.94 6.77
CA LEU A 8 0.64 0.85 7.24
C LEU A 8 0.43 -0.36 6.33
N GLU A 9 -0.71 -0.37 5.65
CA GLU A 9 -1.03 -1.47 4.76
C GLU A 9 -0.41 -1.22 3.38
N ASP A 10 0.14 -0.02 3.22
CA ASP A 10 0.77 0.35 1.96
C ASP A 10 2.29 0.18 2.09
N LYS A 11 2.74 0.12 3.33
CA LYS A 11 4.16 -0.03 3.60
C LYS A 11 4.49 -1.51 3.76
N ILE A 12 3.47 -2.28 4.13
CA ILE A 12 3.63 -3.71 4.32
C ILE A 12 3.28 -4.44 3.02
N LEU A 13 2.55 -3.74 2.17
CA LEU A 13 2.14 -4.30 0.90
C LEU A 13 3.20 -3.99 -0.16
N VAL A 14 3.46 -2.70 -0.32
CA VAL A 14 4.44 -2.24 -1.28
C VAL A 14 5.63 -3.21 -1.29
N GLN A 15 5.80 -3.88 -0.16
CA GLN A 15 6.90 -4.84 -0.01
C GLN A 15 6.57 -6.13 -0.76
N ALA A 16 5.45 -6.72 -0.39
CA ALA A 16 5.02 -7.96 -1.00
C ALA A 16 4.40 -7.65 -2.38
N ASN A 17 4.22 -6.37 -2.63
CA ASN A 17 3.64 -5.92 -3.88
C ASN A 17 4.77 -5.60 -4.86
N GLU A 18 5.88 -5.13 -4.32
CA GLU A 18 7.03 -4.77 -5.12
C GLU A 18 7.00 -3.27 -5.46
N ALA A 19 5.89 -2.64 -5.10
CA ALA A 19 5.72 -1.22 -5.35
C ALA A 19 4.45 -1.01 -6.18
N GLU A 20 3.74 -2.10 -6.40
CA GLU A 20 2.51 -2.05 -7.17
C GLU A 20 1.35 -1.58 -6.29
N THR A 21 0.74 -2.54 -5.61
CA THR A 21 -0.38 -2.24 -4.74
C THR A 21 -1.54 -1.64 -5.54
N THR A 22 -2.31 -0.80 -4.86
CA THR A 22 -3.45 -0.16 -5.50
C THR A 22 -3.71 1.21 -4.87
N THR A 23 -4.57 1.97 -5.52
CA THR A 23 -4.92 3.30 -5.03
C THR A 23 -3.67 4.00 -4.47
N ALA A 24 -3.92 4.90 -3.53
CA ALA A 24 -2.83 5.65 -2.90
C ALA A 24 -1.87 6.13 -3.98
N SER A 25 -2.12 7.34 -4.45
CA SER A 25 -1.29 7.94 -5.48
C SER A 25 0.18 7.65 -5.20
N ALA A 1 -0.92 6.87 4.07
CA ALA A 1 -2.31 6.59 3.76
C ALA A 1 -2.76 7.50 2.62
N LYS A 2 -2.40 7.11 1.40
CA LYS A 2 -2.75 7.88 0.23
C LYS A 2 -4.16 8.47 0.41
N VAL A 3 -5.00 7.72 1.11
CA VAL A 3 -6.36 8.14 1.37
C VAL A 3 -6.44 8.76 2.77
N ASN A 4 -7.36 8.24 3.56
CA ASN A 4 -7.55 8.72 4.92
C ASN A 4 -6.84 7.79 5.89
N ILE A 5 -6.76 6.52 5.50
CA ILE A 5 -6.11 5.53 6.34
C ILE A 5 -5.30 4.57 5.45
N LYS A 6 -5.13 3.36 5.94
CA LYS A 6 -4.38 2.35 5.20
C LYS A 6 -3.02 2.92 4.79
N PRO A 7 -2.38 3.61 5.76
CA PRO A 7 -1.07 4.22 5.51
C PRO A 7 0.03 3.15 5.47
N LEU A 8 -0.16 2.13 6.30
CA LEU A 8 0.81 1.04 6.38
C LEU A 8 0.49 0.02 5.28
N GLU A 9 -0.79 -0.07 4.95
CA GLU A 9 -1.23 -1.01 3.94
C GLU A 9 -0.47 -0.77 2.62
N ASP A 10 0.13 0.41 2.53
CA ASP A 10 0.89 0.77 1.34
C ASP A 10 2.39 0.58 1.63
N LYS A 11 2.69 0.33 2.89
CA LYS A 11 4.07 0.14 3.30
C LYS A 11 4.31 -1.35 3.56
N ILE A 12 3.23 -2.06 3.86
CA ILE A 12 3.32 -3.48 4.12
C ILE A 12 3.01 -4.25 2.84
N LEU A 13 2.42 -3.55 1.89
CA LEU A 13 2.08 -4.15 0.61
C LEU A 13 3.23 -3.96 -0.37
N VAL A 14 3.60 -2.71 -0.58
CA VAL A 14 4.69 -2.38 -1.48
C VAL A 14 5.81 -3.41 -1.32
N GLN A 15 5.83 -4.03 -0.14
CA GLN A 15 6.84 -5.04 0.16
C GLN A 15 6.51 -6.35 -0.54
N ALA A 16 5.31 -6.86 -0.25
CA ALA A 16 4.85 -8.10 -0.84
C ALA A 16 4.39 -7.84 -2.27
N ASN A 17 4.32 -6.56 -2.62
CA ASN A 17 3.89 -6.18 -3.95
C ASN A 17 5.13 -6.00 -4.84
N GLU A 18 6.21 -5.57 -4.22
CA GLU A 18 7.46 -5.36 -4.94
C GLU A 18 7.56 -3.91 -5.42
N ALA A 19 6.49 -3.17 -5.17
CA ALA A 19 6.45 -1.76 -5.57
C ALA A 19 5.55 -1.62 -6.79
N GLU A 20 4.75 -2.65 -7.03
CA GLU A 20 3.84 -2.65 -8.16
C GLU A 20 2.62 -1.77 -7.86
N THR A 21 1.63 -2.39 -7.23
CA THR A 21 0.41 -1.68 -6.88
C THR A 21 0.73 -0.23 -6.49
N THR A 22 -0.23 0.64 -6.74
CA THR A 22 -0.08 2.04 -6.42
C THR A 22 -1.26 2.54 -5.59
N THR A 23 -2.16 3.24 -6.27
CA THR A 23 -3.34 3.78 -5.63
C THR A 23 -4.59 3.54 -6.48
N ALA A 24 -5.66 4.23 -6.12
CA ALA A 24 -6.92 4.09 -6.85
C ALA A 24 -7.47 5.49 -7.13
N SER A 25 -7.52 6.29 -6.08
CA SER A 25 -8.04 7.66 -6.19
C SER A 25 -7.38 8.55 -5.15
N ALA A 1 -14.29 8.80 4.56
CA ALA A 1 -14.22 7.96 3.37
C ALA A 1 -12.82 7.35 3.27
N LYS A 2 -12.31 6.92 4.41
CA LYS A 2 -10.99 6.32 4.46
C LYS A 2 -10.96 5.08 3.56
N VAL A 3 -10.29 4.05 4.04
CA VAL A 3 -10.17 2.81 3.29
C VAL A 3 -9.03 2.92 2.28
N ASN A 4 -8.60 4.17 2.07
CA ASN A 4 -7.51 4.43 1.14
C ASN A 4 -6.23 4.71 1.93
N ILE A 5 -6.41 5.35 3.08
CA ILE A 5 -5.28 5.69 3.93
C ILE A 5 -4.15 4.68 3.69
N LYS A 6 -4.46 3.42 3.98
CA LYS A 6 -3.49 2.35 3.81
C LYS A 6 -2.08 2.92 4.05
N PRO A 7 -1.91 3.59 5.21
CA PRO A 7 -0.63 4.18 5.56
C PRO A 7 0.36 3.09 6.01
N LEU A 8 -0.19 1.99 6.49
CA LEU A 8 0.62 0.88 6.96
C LEU A 8 0.44 -0.31 6.02
N GLU A 9 -0.74 -0.36 5.41
CA GLU A 9 -1.05 -1.45 4.49
C GLU A 9 -0.36 -1.21 3.15
N ASP A 10 0.12 0.02 2.97
CA ASP A 10 0.80 0.38 1.74
C ASP A 10 2.31 0.24 1.94
N LYS A 11 2.69 0.04 3.20
CA LYS A 11 4.10 -0.10 3.53
C LYS A 11 4.43 -1.59 3.71
N ILE A 12 3.39 -2.34 4.08
CA ILE A 12 3.56 -3.78 4.29
C ILE A 12 3.24 -4.52 2.99
N LEU A 13 2.55 -3.81 2.09
CA LEU A 13 2.18 -4.39 0.82
C LEU A 13 3.26 -4.06 -0.22
N VAL A 14 3.52 -2.78 -0.38
CA VAL A 14 4.53 -2.33 -1.33
C VAL A 14 5.71 -3.29 -1.29
N GLN A 15 5.87 -3.97 -0.17
CA GLN A 15 6.95 -4.91 0.00
C GLN A 15 6.65 -6.20 -0.76
N ALA A 16 5.52 -6.82 -0.41
CA ALA A 16 5.10 -8.04 -1.04
C ALA A 16 4.50 -7.74 -2.42
N ASN A 17 4.32 -6.44 -2.67
CA ASN A 17 3.76 -6.00 -3.93
C ASN A 17 4.90 -5.61 -4.88
N GLU A 18 5.98 -5.13 -4.28
CA GLU A 18 7.15 -4.72 -5.06
C GLU A 18 7.08 -3.22 -5.35
N ALA A 19 5.94 -2.64 -5.03
CA ALA A 19 5.74 -1.21 -5.25
C ALA A 19 4.40 -0.99 -5.95
N GLU A 20 3.71 -2.09 -6.20
CA GLU A 20 2.43 -2.04 -6.87
C GLU A 20 1.34 -1.66 -5.87
N THR A 21 0.76 -2.69 -5.26
CA THR A 21 -0.30 -2.49 -4.28
C THR A 21 -1.27 -1.40 -4.76
N THR A 22 -0.97 -0.17 -4.37
CA THR A 22 -1.80 0.96 -4.75
C THR A 22 -0.93 2.16 -5.12
N THR A 23 -0.18 2.63 -4.13
CA THR A 23 0.70 3.76 -4.33
C THR A 23 2.02 3.32 -4.96
N ALA A 24 3.04 4.15 -4.77
CA ALA A 24 4.35 3.85 -5.31
C ALA A 24 5.41 4.59 -4.50
N SER A 25 6.49 3.87 -4.19
CA SER A 25 7.58 4.45 -3.43
C SER A 25 8.50 5.27 -4.33
N ALA A 1 -1.07 9.55 -4.28
CA ALA A 1 -0.74 10.19 -3.02
C ALA A 1 -1.57 9.57 -1.90
N LYS A 2 -0.99 8.57 -1.26
CA LYS A 2 -1.66 7.88 -0.17
C LYS A 2 -1.57 8.73 1.10
N VAL A 3 -1.17 8.07 2.18
CA VAL A 3 -1.04 8.74 3.46
C VAL A 3 -2.43 8.96 4.06
N ASN A 4 -3.43 8.92 3.20
CA ASN A 4 -4.80 9.11 3.63
C ASN A 4 -5.37 7.77 4.12
N ILE A 5 -5.01 6.72 3.41
CA ILE A 5 -5.48 5.39 3.76
C ILE A 5 -4.33 4.40 3.61
N LYS A 6 -4.59 3.17 4.02
CA LYS A 6 -3.59 2.11 3.93
C LYS A 6 -2.21 2.72 4.16
N PRO A 7 -2.08 3.46 5.30
CA PRO A 7 -0.82 4.10 5.64
C PRO A 7 0.19 3.06 6.16
N LEU A 8 -0.34 1.95 6.66
CA LEU A 8 0.50 0.89 7.18
C LEU A 8 0.35 -0.36 6.29
N GLU A 9 -0.80 -0.44 5.64
CA GLU A 9 -1.08 -1.57 4.77
C GLU A 9 -0.44 -1.34 3.39
N ASP A 10 0.00 -0.11 3.18
CA ASP A 10 0.63 0.26 1.92
C ASP A 10 2.14 0.15 2.05
N LYS A 11 2.60 0.12 3.29
CA LYS A 11 4.02 0.02 3.57
C LYS A 11 4.39 -1.45 3.75
N ILE A 12 3.40 -2.24 4.13
CA ILE A 12 3.61 -3.66 4.35
C ILE A 12 3.29 -4.42 3.06
N LEU A 13 2.54 -3.76 2.19
CA LEU A 13 2.15 -4.35 0.93
C LEU A 13 3.21 -4.02 -0.13
N VAL A 14 3.43 -2.72 -0.31
CA VAL A 14 4.40 -2.26 -1.28
C VAL A 14 5.63 -3.19 -1.26
N GLN A 15 5.81 -3.83 -0.12
CA GLN A 15 6.93 -4.75 0.05
C GLN A 15 6.65 -6.07 -0.68
N ALA A 16 5.54 -6.69 -0.31
CA ALA A 16 5.14 -7.94 -0.92
C ALA A 16 4.54 -7.67 -2.29
N ASN A 17 4.32 -6.40 -2.57
CA ASN A 17 3.75 -6.00 -3.84
C ASN A 17 4.88 -5.66 -4.82
N GLU A 18 5.97 -5.14 -4.28
CA GLU A 18 7.12 -4.79 -5.08
C GLU A 18 7.03 -3.31 -5.49
N ALA A 19 5.92 -2.69 -5.12
CA ALA A 19 5.71 -1.29 -5.43
C ALA A 19 4.71 -1.18 -6.57
N GLU A 20 3.99 -2.28 -6.80
CA GLU A 20 2.99 -2.32 -7.85
C GLU A 20 1.72 -1.58 -7.41
N THR A 21 0.86 -2.32 -6.72
CA THR A 21 -0.39 -1.76 -6.23
C THR A 21 -0.19 -0.31 -5.80
N THR A 22 -0.73 0.59 -6.61
CA THR A 22 -0.61 2.02 -6.32
C THR A 22 -1.99 2.69 -6.41
N THR A 23 -2.38 3.02 -7.63
CA THR A 23 -3.66 3.67 -7.84
C THR A 23 -4.79 2.63 -7.88
N ALA A 24 -6.02 3.12 -7.89
CA ALA A 24 -7.18 2.25 -7.91
C ALA A 24 -7.59 2.02 -9.37
N SER A 25 -6.65 1.51 -10.15
CA SER A 25 -6.91 1.24 -11.56
C SER A 25 -7.82 0.02 -11.69
N ALA A 1 -6.86 8.38 0.68
CA ALA A 1 -6.54 6.97 0.48
C ALA A 1 -5.02 6.80 0.40
N LYS A 2 -4.59 5.58 0.64
CA LYS A 2 -3.17 5.27 0.60
C LYS A 2 -2.46 6.01 1.73
N VAL A 3 -2.79 7.29 1.87
CA VAL A 3 -2.20 8.11 2.90
C VAL A 3 -2.76 7.71 4.26
N ASN A 4 -3.45 8.65 4.88
CA ASN A 4 -4.05 8.41 6.18
C ASN A 4 -4.73 7.05 6.18
N ILE A 5 -5.49 6.79 5.13
CA ILE A 5 -6.19 5.52 4.99
C ILE A 5 -5.24 4.48 4.39
N LYS A 6 -5.03 3.41 5.15
CA LYS A 6 -4.15 2.35 4.71
C LYS A 6 -2.75 2.91 4.46
N PRO A 7 -2.23 3.61 5.50
CA PRO A 7 -0.90 4.20 5.41
C PRO A 7 0.19 3.13 5.55
N LEU A 8 -0.16 2.08 6.26
CA LEU A 8 0.77 0.98 6.46
C LEU A 8 0.51 -0.12 5.43
N GLU A 9 -0.75 -0.20 5.02
CA GLU A 9 -1.16 -1.20 4.04
C GLU A 9 -0.40 -0.99 2.73
N ASP A 10 0.14 0.20 2.58
CA ASP A 10 0.89 0.53 1.38
C ASP A 10 2.39 0.36 1.65
N LYS A 11 2.71 0.16 2.93
CA LYS A 11 4.09 -0.02 3.34
C LYS A 11 4.35 -1.51 3.58
N ILE A 12 3.29 -2.22 3.90
CA ILE A 12 3.39 -3.65 4.16
C ILE A 12 3.10 -4.42 2.87
N LEU A 13 2.49 -3.71 1.92
CA LEU A 13 2.16 -4.32 0.65
C LEU A 13 3.29 -4.07 -0.34
N VAL A 14 3.60 -2.79 -0.52
CA VAL A 14 4.66 -2.41 -1.44
C VAL A 14 5.81 -3.41 -1.33
N GLN A 15 5.90 -4.04 -0.17
CA GLN A 15 6.94 -5.02 0.08
C GLN A 15 6.63 -6.33 -0.66
N ALA A 16 5.47 -6.89 -0.35
CA ALA A 16 5.05 -8.13 -0.97
C ALA A 16 4.55 -7.84 -2.38
N ASN A 17 4.42 -6.56 -2.68
CA ASN A 17 3.95 -6.13 -4.00
C ASN A 17 5.15 -5.81 -4.88
N GLU A 18 6.21 -5.34 -4.24
CA GLU A 18 7.42 -4.99 -4.96
C GLU A 18 7.42 -3.50 -5.32
N ALA A 19 6.28 -2.88 -5.09
CA ALA A 19 6.13 -1.46 -5.38
C ALA A 19 4.82 -1.23 -6.14
N GLU A 20 4.12 -2.33 -6.39
CA GLU A 20 2.87 -2.27 -7.11
C GLU A 20 1.74 -1.81 -6.17
N THR A 21 1.11 -2.80 -5.54
CA THR A 21 0.02 -2.52 -4.62
C THR A 21 -0.86 -1.39 -5.16
N THR A 22 -1.89 -1.79 -5.89
CA THR A 22 -2.81 -0.83 -6.47
C THR A 22 -4.06 -0.69 -5.59
N THR A 23 -5.18 -0.43 -6.24
CA THR A 23 -6.44 -0.27 -5.54
C THR A 23 -6.65 -1.41 -4.54
N ALA A 24 -7.62 -1.23 -3.67
CA ALA A 24 -7.92 -2.24 -2.66
C ALA A 24 -9.42 -2.19 -2.33
N SER A 25 -9.89 -0.98 -2.05
CA SER A 25 -11.29 -0.78 -1.73
C SER A 25 -12.10 -0.53 -3.00
N ALA A 1 -8.24 2.54 2.50
CA ALA A 1 -7.55 3.03 1.32
C ALA A 1 -6.39 3.93 1.74
N LYS A 2 -5.20 3.60 1.24
CA LYS A 2 -4.02 4.36 1.55
C LYS A 2 -4.40 5.83 1.75
N VAL A 3 -5.39 6.26 0.97
CA VAL A 3 -5.86 7.64 1.05
C VAL A 3 -6.24 7.96 2.50
N ASN A 4 -7.53 7.94 2.76
CA ASN A 4 -8.04 8.23 4.09
C ASN A 4 -7.11 7.59 5.13
N ILE A 5 -6.89 6.29 4.96
CA ILE A 5 -6.03 5.56 5.87
C ILE A 5 -5.20 4.54 5.08
N LYS A 6 -4.95 3.41 5.73
CA LYS A 6 -4.17 2.36 5.11
C LYS A 6 -2.82 2.91 4.67
N PRO A 7 -2.23 3.75 5.55
CA PRO A 7 -0.94 4.35 5.28
C PRO A 7 0.20 3.32 5.44
N LEU A 8 0.00 2.42 6.38
CA LEU A 8 0.99 1.39 6.64
C LEU A 8 0.66 0.15 5.80
N GLU A 9 -0.63 -0.01 5.52
CA GLU A 9 -1.08 -1.14 4.74
C GLU A 9 -0.57 -1.03 3.29
N ASP A 10 -0.11 0.16 2.96
CA ASP A 10 0.42 0.41 1.62
C ASP A 10 1.94 0.29 1.64
N LYS A 11 2.49 0.36 2.85
CA LYS A 11 3.93 0.25 3.03
C LYS A 11 4.30 -1.19 3.34
N ILE A 12 3.32 -1.92 3.87
CA ILE A 12 3.52 -3.32 4.22
C ILE A 12 3.12 -4.20 3.04
N LEU A 13 2.31 -3.63 2.16
CA LEU A 13 1.86 -4.36 0.99
C LEU A 13 2.87 -4.17 -0.15
N VAL A 14 3.10 -2.92 -0.48
CA VAL A 14 4.04 -2.59 -1.54
C VAL A 14 5.23 -3.55 -1.48
N GLN A 15 5.48 -4.05 -0.28
CA GLN A 15 6.58 -4.97 -0.06
C GLN A 15 6.33 -6.28 -0.81
N ALA A 16 5.16 -6.85 -0.55
CA ALA A 16 4.78 -8.10 -1.19
C ALA A 16 4.52 -7.86 -2.67
N ASN A 17 4.42 -6.59 -3.02
CA ASN A 17 4.17 -6.20 -4.40
C ASN A 17 5.51 -6.03 -5.13
N GLU A 18 6.50 -5.55 -4.38
CA GLU A 18 7.82 -5.35 -4.94
C GLU A 18 7.99 -3.89 -5.37
N ALA A 19 6.87 -3.19 -5.44
CA ALA A 19 6.88 -1.79 -5.83
C ALA A 19 5.63 -1.49 -6.65
N GLU A 20 4.88 -2.54 -6.96
CA GLU A 20 3.66 -2.40 -7.74
C GLU A 20 2.58 -1.72 -6.90
N THR A 21 1.81 -2.55 -6.20
CA THR A 21 0.74 -2.05 -5.36
C THR A 21 -0.24 -3.16 -5.03
N THR A 22 -0.59 -3.93 -6.05
CA THR A 22 -1.52 -5.04 -5.89
C THR A 22 -1.41 -6.00 -7.07
N THR A 23 -1.66 -5.47 -8.26
CA THR A 23 -1.61 -6.26 -9.47
C THR A 23 -0.34 -5.94 -10.26
N ALA A 24 -0.43 -6.13 -11.57
CA ALA A 24 0.70 -5.86 -12.44
C ALA A 24 0.36 -4.69 -13.36
N SER A 25 1.40 -4.13 -13.95
CA SER A 25 1.23 -3.00 -14.85
C SER A 25 1.69 -3.37 -16.26
N ALA A 1 -7.61 3.97 8.76
CA ALA A 1 -7.21 4.21 10.13
C ALA A 1 -7.42 2.92 10.95
N LYS A 2 -6.36 2.49 11.61
CA LYS A 2 -6.42 1.29 12.43
C LYS A 2 -6.65 0.08 11.52
N VAL A 3 -7.60 0.24 10.61
CA VAL A 3 -7.92 -0.83 9.68
C VAL A 3 -6.66 -1.25 8.93
N ASN A 4 -6.58 -0.83 7.67
CA ASN A 4 -5.43 -1.15 6.85
C ASN A 4 -4.59 0.10 6.63
N ILE A 5 -5.21 1.25 6.90
CA ILE A 5 -4.53 2.52 6.74
C ILE A 5 -3.76 2.52 5.42
N LYS A 6 -4.25 3.33 4.49
CA LYS A 6 -3.62 3.44 3.18
C LYS A 6 -2.13 3.76 3.36
N PRO A 7 -1.85 4.55 4.43
CA PRO A 7 -0.48 4.94 4.73
C PRO A 7 0.31 3.77 5.33
N LEU A 8 -0.43 2.79 5.82
CA LEU A 8 0.18 1.62 6.42
C LEU A 8 -0.07 0.40 5.53
N GLU A 9 -1.07 0.53 4.68
CA GLU A 9 -1.42 -0.54 3.77
C GLU A 9 -0.58 -0.46 2.50
N ASP A 10 0.14 0.65 2.37
CA ASP A 10 0.99 0.86 1.21
C ASP A 10 2.44 0.52 1.58
N LYS A 11 2.68 0.44 2.87
CA LYS A 11 4.02 0.12 3.36
C LYS A 11 4.10 -1.39 3.63
N ILE A 12 2.95 -1.99 3.86
CA ILE A 12 2.89 -3.41 4.13
C ILE A 12 2.63 -4.16 2.82
N LEU A 13 2.13 -3.42 1.84
CA LEU A 13 1.83 -4.00 0.54
C LEU A 13 3.06 -3.88 -0.36
N VAL A 14 3.51 -2.64 -0.52
CA VAL A 14 4.67 -2.38 -1.35
C VAL A 14 5.70 -3.48 -1.15
N GLN A 15 5.64 -4.11 0.01
CA GLN A 15 6.55 -5.19 0.34
C GLN A 15 6.16 -6.47 -0.41
N ALA A 16 4.93 -6.89 -0.18
CA ALA A 16 4.43 -8.09 -0.82
C ALA A 16 4.05 -7.78 -2.27
N ASN A 17 4.06 -6.49 -2.58
CA ASN A 17 3.73 -6.04 -3.92
C ASN A 17 5.01 -5.84 -4.73
N GLU A 18 6.08 -5.46 -4.03
CA GLU A 18 7.35 -5.24 -4.67
C GLU A 18 7.52 -3.76 -5.03
N ALA A 19 6.43 -3.02 -4.86
CA ALA A 19 6.44 -1.60 -5.17
C ALA A 19 5.26 -1.27 -6.08
N GLU A 20 4.47 -2.30 -6.35
CA GLU A 20 3.31 -2.13 -7.21
C GLU A 20 2.15 -1.51 -6.42
N THR A 21 1.37 -2.37 -5.79
CA THR A 21 0.24 -1.91 -5.00
C THR A 21 -0.39 -0.67 -5.64
N THR A 22 0.06 0.49 -5.17
CA THR A 22 -0.45 1.75 -5.69
C THR A 22 -1.97 1.82 -5.51
N THR A 23 -2.68 1.30 -6.50
CA THR A 23 -4.13 1.31 -6.46
C THR A 23 -4.63 0.91 -5.07
N ALA A 24 -5.91 1.15 -4.84
CA ALA A 24 -6.52 0.82 -3.56
C ALA A 24 -8.02 0.58 -3.76
N SER A 25 -8.33 -0.18 -4.79
CA SER A 25 -9.71 -0.50 -5.11
C SER A 25 -10.41 -1.07 -3.86
N ALA A 1 -5.56 4.51 -3.59
CA ALA A 1 -5.27 3.76 -2.37
C ALA A 1 -4.26 4.55 -1.54
N LYS A 2 -4.12 4.13 -0.29
CA LYS A 2 -3.19 4.77 0.62
C LYS A 2 -3.42 6.29 0.57
N VAL A 3 -3.29 6.90 1.75
CA VAL A 3 -3.47 8.34 1.85
C VAL A 3 -3.92 8.69 3.27
N ASN A 4 -5.21 8.93 3.41
CA ASN A 4 -5.78 9.27 4.71
C ASN A 4 -5.87 8.02 5.57
N ILE A 5 -5.91 6.88 4.89
CA ILE A 5 -5.99 5.60 5.57
C ILE A 5 -5.06 4.60 4.89
N LYS A 6 -5.12 3.35 5.36
CA LYS A 6 -4.28 2.30 4.82
C LYS A 6 -2.90 2.87 4.49
N PRO A 7 -2.32 3.56 5.51
CA PRO A 7 -1.00 4.16 5.35
C PRO A 7 0.09 3.08 5.41
N LEU A 8 -0.17 2.06 6.22
CA LEU A 8 0.78 0.97 6.37
C LEU A 8 0.50 -0.10 5.32
N GLU A 9 -0.77 -0.19 4.93
CA GLU A 9 -1.18 -1.17 3.93
C GLU A 9 -0.41 -0.95 2.63
N ASP A 10 0.17 0.24 2.52
CA ASP A 10 0.93 0.59 1.34
C ASP A 10 2.42 0.41 1.62
N LYS A 11 2.74 0.20 2.89
CA LYS A 11 4.11 0.02 3.32
C LYS A 11 4.37 -1.48 3.56
N ILE A 12 3.28 -2.18 3.86
CA ILE A 12 3.38 -3.61 4.13
C ILE A 12 3.09 -4.38 2.83
N LEU A 13 2.50 -3.67 1.89
CA LEU A 13 2.17 -4.28 0.60
C LEU A 13 3.32 -4.05 -0.38
N VAL A 14 3.66 -2.78 -0.55
CA VAL A 14 4.74 -2.42 -1.46
C VAL A 14 5.87 -3.44 -1.33
N GLN A 15 5.93 -4.07 -0.17
CA GLN A 15 6.95 -5.07 0.09
C GLN A 15 6.62 -6.36 -0.64
N ALA A 16 5.45 -6.90 -0.33
CA ALA A 16 5.00 -8.14 -0.94
C ALA A 16 4.51 -7.86 -2.36
N ASN A 17 4.40 -6.57 -2.66
CA ASN A 17 3.93 -6.15 -3.98
C ASN A 17 5.13 -5.85 -4.87
N GLU A 18 6.21 -5.39 -4.23
CA GLU A 18 7.43 -5.07 -4.96
C GLU A 18 7.46 -3.59 -5.31
N ALA A 19 6.33 -2.93 -5.08
CA ALA A 19 6.21 -1.51 -5.37
C ALA A 19 4.92 -1.27 -6.16
N GLU A 20 4.20 -2.35 -6.41
CA GLU A 20 2.94 -2.27 -7.13
C GLU A 20 1.82 -1.79 -6.22
N THR A 21 1.16 -2.76 -5.59
CA THR A 21 0.07 -2.46 -4.68
C THR A 21 -0.80 -1.34 -5.26
N THR A 22 -1.84 -1.75 -5.98
CA THR A 22 -2.74 -0.80 -6.58
C THR A 22 -4.10 -0.83 -5.88
N THR A 23 -4.96 -1.72 -6.34
CA THR A 23 -6.29 -1.86 -5.76
C THR A 23 -6.18 -2.40 -4.33
N ALA A 24 -7.30 -2.31 -3.62
CA ALA A 24 -7.35 -2.78 -2.25
C ALA A 24 -7.98 -4.17 -2.21
N SER A 25 -7.92 -4.78 -1.04
CA SER A 25 -8.48 -6.12 -0.86
C SER A 25 -9.86 -6.20 -1.52
N ALA A 1 -6.17 9.12 -3.71
CA ALA A 1 -5.34 9.89 -2.79
C ALA A 1 -5.51 9.34 -1.37
N LYS A 2 -4.64 8.41 -1.03
CA LYS A 2 -4.68 7.79 0.28
C LYS A 2 -4.05 8.74 1.30
N VAL A 3 -3.16 8.19 2.12
CA VAL A 3 -2.49 8.97 3.14
C VAL A 3 -3.43 9.21 4.31
N ASN A 4 -4.72 9.07 4.03
CA ASN A 4 -5.74 9.26 5.04
C ASN A 4 -5.93 7.96 5.82
N ILE A 5 -5.89 6.85 5.09
CA ILE A 5 -6.05 5.54 5.69
C ILE A 5 -5.08 4.56 5.05
N LYS A 6 -5.16 3.32 5.49
CA LYS A 6 -4.28 2.27 4.98
C LYS A 6 -2.91 2.88 4.68
N PRO A 7 -2.35 3.56 5.70
CA PRO A 7 -1.04 4.18 5.56
C PRO A 7 0.07 3.14 5.61
N LEU A 8 -0.20 2.06 6.35
CA LEU A 8 0.77 0.99 6.47
C LEU A 8 0.48 -0.08 5.42
N GLU A 9 -0.79 -0.19 5.06
CA GLU A 9 -1.21 -1.17 4.07
C GLU A 9 -0.48 -0.93 2.75
N ASP A 10 0.05 0.27 2.61
CA ASP A 10 0.78 0.64 1.40
C ASP A 10 2.27 0.50 1.65
N LYS A 11 2.62 0.29 2.92
CA LYS A 11 4.01 0.12 3.29
C LYS A 11 4.30 -1.36 3.53
N ILE A 12 3.24 -2.10 3.87
CA ILE A 12 3.37 -3.52 4.13
C ILE A 12 3.08 -4.29 2.85
N LEU A 13 2.45 -3.60 1.90
CA LEU A 13 2.10 -4.22 0.64
C LEU A 13 3.25 -3.99 -0.36
N VAL A 14 3.57 -2.72 -0.57
CA VAL A 14 4.63 -2.37 -1.49
C VAL A 14 5.78 -3.37 -1.34
N GLN A 15 5.85 -3.99 -0.18
CA GLN A 15 6.89 -4.97 0.10
C GLN A 15 6.57 -6.28 -0.60
N ALA A 16 5.39 -6.82 -0.30
CA ALA A 16 4.96 -8.08 -0.89
C ALA A 16 4.48 -7.81 -2.32
N ASN A 17 4.38 -6.53 -2.65
CA ASN A 17 3.94 -6.15 -3.99
C ASN A 17 5.15 -5.93 -4.88
N GLU A 18 6.24 -5.49 -4.26
CA GLU A 18 7.47 -5.25 -4.98
C GLU A 18 7.54 -3.78 -5.41
N ALA A 19 6.46 -3.06 -5.18
CA ALA A 19 6.38 -1.66 -5.53
C ALA A 19 5.26 -1.44 -6.55
N GLU A 20 4.53 -2.52 -6.81
CA GLU A 20 3.43 -2.47 -7.75
C GLU A 20 2.16 -2.00 -7.05
N THR A 21 1.43 -2.95 -6.49
CA THR A 21 0.20 -2.65 -5.79
C THR A 21 -0.88 -2.19 -6.77
N THR A 22 -0.53 -1.18 -7.56
CA THR A 22 -1.45 -0.65 -8.55
C THR A 22 -0.68 -0.15 -9.78
N THR A 23 -1.13 0.98 -10.30
CA THR A 23 -0.50 1.58 -11.47
C THR A 23 0.92 2.02 -11.13
N ALA A 24 1.64 2.44 -12.17
CA ALA A 24 3.01 2.89 -12.00
C ALA A 24 3.06 3.96 -10.91
N SER A 25 3.80 3.65 -9.86
CA SER A 25 3.93 4.57 -8.74
C SER A 25 4.78 3.93 -7.63
N ALA A 1 -7.67 4.24 1.18
CA ALA A 1 -8.86 4.91 1.69
C ALA A 1 -8.48 6.32 2.13
N LYS A 2 -9.10 7.30 1.48
CA LYS A 2 -8.84 8.70 1.79
C LYS A 2 -8.59 8.83 3.30
N VAL A 3 -9.31 8.04 4.07
CA VAL A 3 -9.17 8.06 5.52
C VAL A 3 -7.68 8.04 5.88
N ASN A 4 -7.19 6.85 6.16
CA ASN A 4 -5.80 6.68 6.53
C ASN A 4 -4.99 6.29 5.28
N ILE A 5 -5.71 6.03 4.21
CA ILE A 5 -5.09 5.65 2.95
C ILE A 5 -4.01 4.60 3.23
N LYS A 6 -4.47 3.39 3.51
CA LYS A 6 -3.55 2.29 3.79
C LYS A 6 -2.16 2.85 4.06
N PRO A 7 -2.03 3.54 5.22
CA PRO A 7 -0.75 4.13 5.61
C PRO A 7 0.22 3.05 6.09
N LEU A 8 -0.33 1.91 6.46
CA LEU A 8 0.47 0.80 6.94
C LEU A 8 0.36 -0.37 5.95
N GLU A 9 -0.81 -0.46 5.32
CA GLU A 9 -1.05 -1.53 4.36
C GLU A 9 -0.27 -1.26 3.07
N ASP A 10 0.15 -0.01 2.92
CA ASP A 10 0.90 0.38 1.74
C ASP A 10 2.41 0.33 2.05
N LYS A 11 2.69 -0.06 3.28
CA LYS A 11 4.08 -0.14 3.73
C LYS A 11 4.45 -1.61 3.92
N ILE A 12 3.43 -2.42 4.18
CA ILE A 12 3.63 -3.85 4.39
C ILE A 12 3.30 -4.60 3.10
N LEU A 13 2.62 -3.90 2.20
CA LEU A 13 2.23 -4.50 0.94
C LEU A 13 3.25 -4.11 -0.14
N VAL A 14 3.45 -2.81 -0.29
CA VAL A 14 4.40 -2.31 -1.26
C VAL A 14 5.65 -3.20 -1.27
N GLN A 15 5.85 -3.88 -0.15
CA GLN A 15 7.00 -4.76 -0.02
C GLN A 15 6.75 -6.07 -0.77
N ALA A 16 5.67 -6.74 -0.40
CA ALA A 16 5.31 -7.99 -1.03
C ALA A 16 4.66 -7.71 -2.39
N ASN A 17 4.39 -6.44 -2.62
CA ASN A 17 3.78 -6.01 -3.87
C ASN A 17 4.87 -5.59 -4.86
N GLU A 18 5.96 -5.08 -4.30
CA GLU A 18 7.08 -4.64 -5.13
C GLU A 18 6.95 -3.15 -5.42
N ALA A 19 5.81 -2.58 -5.04
CA ALA A 19 5.57 -1.17 -5.25
C ALA A 19 4.24 -1.00 -6.01
N GLU A 20 3.58 -2.13 -6.25
CA GLU A 20 2.31 -2.13 -6.95
C GLU A 20 1.18 -1.69 -6.01
N THR A 21 0.64 -2.68 -5.30
CA THR A 21 -0.44 -2.41 -4.37
C THR A 21 -1.64 -1.82 -5.09
N THR A 22 -1.77 -2.19 -6.37
CA THR A 22 -2.86 -1.69 -7.18
C THR A 22 -4.20 -2.12 -6.58
N THR A 23 -5.15 -1.19 -6.64
CA THR A 23 -6.48 -1.46 -6.10
C THR A 23 -6.38 -2.09 -4.72
N ALA A 24 -7.41 -2.85 -4.37
CA ALA A 24 -7.45 -3.51 -3.08
C ALA A 24 -8.37 -4.73 -3.16
N SER A 25 -8.46 -5.44 -2.05
CA SER A 25 -9.30 -6.63 -1.98
C SER A 25 -8.99 -7.55 -3.16
N ALA A 1 -11.57 4.65 10.12
CA ALA A 1 -11.63 3.55 9.20
C ALA A 1 -10.26 2.87 9.11
N LYS A 2 -9.49 3.02 10.18
CA LYS A 2 -8.17 2.43 10.24
C LYS A 2 -8.27 0.93 9.99
N VAL A 3 -7.44 0.18 10.72
CA VAL A 3 -7.42 -1.26 10.59
C VAL A 3 -6.52 -1.66 9.42
N ASN A 4 -6.67 -0.91 8.32
CA ASN A 4 -5.87 -1.18 7.14
C ASN A 4 -4.90 -0.03 6.92
N ILE A 5 -5.22 1.10 7.51
CA ILE A 5 -4.37 2.27 7.40
C ILE A 5 -3.84 2.38 5.97
N LYS A 6 -4.43 3.29 5.21
CA LYS A 6 -4.03 3.49 3.83
C LYS A 6 -2.55 3.88 3.79
N PRO A 7 -2.11 4.58 4.86
CA PRO A 7 -0.73 5.02 4.96
C PRO A 7 0.20 3.84 5.29
N LEU A 8 -0.39 2.82 5.88
CA LEU A 8 0.37 1.64 6.25
C LEU A 8 0.08 0.51 5.25
N GLU A 9 -1.10 0.60 4.64
CA GLU A 9 -1.51 -0.40 3.66
C GLU A 9 -0.65 -0.30 2.41
N ASP A 10 0.03 0.83 2.28
CA ASP A 10 0.89 1.07 1.13
C ASP A 10 2.34 0.77 1.52
N LYS A 11 2.55 0.56 2.81
CA LYS A 11 3.88 0.26 3.32
C LYS A 11 3.99 -1.24 3.60
N ILE A 12 2.83 -1.85 3.84
CA ILE A 12 2.79 -3.27 4.12
C ILE A 12 2.53 -4.04 2.81
N LEU A 13 2.04 -3.31 1.83
CA LEU A 13 1.74 -3.90 0.54
C LEU A 13 2.97 -3.81 -0.36
N VAL A 14 3.43 -2.58 -0.55
CA VAL A 14 4.60 -2.33 -1.39
C VAL A 14 5.64 -3.43 -1.14
N GLN A 15 5.54 -4.04 0.04
CA GLN A 15 6.46 -5.10 0.40
C GLN A 15 6.08 -6.40 -0.32
N ALA A 16 4.84 -6.82 -0.10
CA ALA A 16 4.34 -8.04 -0.71
C ALA A 16 4.00 -7.75 -2.18
N ASN A 17 4.03 -6.48 -2.52
CA ASN A 17 3.72 -6.07 -3.89
C ASN A 17 5.02 -5.98 -4.69
N GLU A 18 6.09 -5.62 -4.00
CA GLU A 18 7.39 -5.50 -4.64
C GLU A 18 7.62 -4.06 -5.10
N ALA A 19 6.59 -3.24 -4.93
CA ALA A 19 6.66 -1.85 -5.33
C ALA A 19 5.86 -1.65 -6.61
N GLU A 20 5.01 -2.62 -6.91
CA GLU A 20 4.19 -2.57 -8.10
C GLU A 20 3.01 -1.62 -7.89
N THR A 21 1.95 -2.17 -7.32
CA THR A 21 0.75 -1.38 -7.06
C THR A 21 1.13 0.04 -6.65
N THR A 22 0.53 1.00 -7.34
CA THR A 22 0.79 2.40 -7.06
C THR A 22 -0.46 3.08 -6.50
N THR A 23 -0.25 4.26 -5.93
CA THR A 23 -1.35 5.01 -5.34
C THR A 23 -2.21 4.10 -4.47
N ALA A 24 -3.43 4.57 -4.21
CA ALA A 24 -4.36 3.81 -3.40
C ALA A 24 -5.79 4.19 -3.78
N SER A 25 -6.06 5.49 -3.72
CA SER A 25 -7.38 5.99 -4.05
C SER A 25 -7.26 7.38 -4.69
N ALA A 1 -3.98 4.58 9.84
CA ALA A 1 -4.84 3.55 10.39
C ALA A 1 -5.67 2.93 9.27
N LYS A 2 -5.38 1.66 9.00
CA LYS A 2 -6.08 0.94 7.95
C LYS A 2 -7.52 1.47 7.86
N VAL A 3 -8.08 1.76 9.01
CA VAL A 3 -9.44 2.28 9.07
C VAL A 3 -9.53 3.55 8.24
N ASN A 4 -9.37 4.69 8.91
CA ASN A 4 -9.43 5.97 8.25
C ASN A 4 -8.79 5.86 6.85
N ILE A 5 -7.56 5.37 6.85
CA ILE A 5 -6.84 5.21 5.60
C ILE A 5 -5.97 3.94 5.68
N LYS A 6 -4.98 3.89 4.80
CA LYS A 6 -4.08 2.74 4.76
C LYS A 6 -2.66 3.23 4.49
N PRO A 7 -2.05 3.86 5.54
CA PRO A 7 -0.70 4.38 5.43
C PRO A 7 0.32 3.24 5.47
N LEU A 8 0.04 2.26 6.32
CA LEU A 8 0.93 1.12 6.46
C LEU A 8 0.61 0.09 5.38
N GLU A 9 -0.67 0.03 5.02
CA GLU A 9 -1.12 -0.90 4.00
C GLU A 9 -0.36 -0.68 2.70
N ASP A 10 0.28 0.48 2.62
CA ASP A 10 1.05 0.83 1.43
C ASP A 10 2.53 0.58 1.71
N LYS A 11 2.83 0.32 2.97
CA LYS A 11 4.21 0.06 3.37
C LYS A 11 4.39 -1.45 3.59
N ILE A 12 3.28 -2.11 3.89
CA ILE A 12 3.31 -3.54 4.14
C ILE A 12 2.98 -4.27 2.84
N LEU A 13 2.42 -3.53 1.90
CA LEU A 13 2.06 -4.09 0.61
C LEU A 13 3.23 -3.94 -0.37
N VAL A 14 3.65 -2.69 -0.55
CA VAL A 14 4.75 -2.40 -1.45
C VAL A 14 5.83 -3.48 -1.29
N GLN A 15 5.82 -4.11 -0.13
CA GLN A 15 6.79 -5.15 0.16
C GLN A 15 6.39 -6.45 -0.56
N ALA A 16 5.19 -6.91 -0.26
CA ALA A 16 4.68 -8.12 -0.87
C ALA A 16 4.22 -7.84 -2.30
N ASN A 17 4.19 -6.55 -2.62
CA ASN A 17 3.77 -6.11 -3.94
C ASN A 17 5.00 -5.97 -4.84
N GLU A 18 6.11 -5.60 -4.23
CA GLU A 18 7.35 -5.43 -4.95
C GLU A 18 7.50 -3.98 -5.41
N ALA A 19 6.47 -3.19 -5.13
CA ALA A 19 6.49 -1.79 -5.50
C ALA A 19 5.58 -1.58 -6.72
N GLU A 20 4.73 -2.58 -6.97
CA GLU A 20 3.82 -2.51 -8.09
C GLU A 20 2.64 -1.60 -7.77
N THR A 21 1.64 -2.18 -7.13
CA THR A 21 0.44 -1.42 -6.76
C THR A 21 0.83 0.01 -6.35
N THR A 22 0.68 0.91 -7.30
CA THR A 22 1.01 2.31 -7.05
C THR A 22 0.10 2.87 -5.94
N THR A 23 -0.13 4.18 -6.03
CA THR A 23 -0.97 4.85 -5.06
C THR A 23 -2.45 4.65 -5.40
N ALA A 24 -3.29 5.38 -4.68
CA ALA A 24 -4.72 5.30 -4.90
C ALA A 24 -5.39 6.57 -4.38
N SER A 25 -5.57 6.63 -3.07
CA SER A 25 -6.19 7.77 -2.44
C SER A 25 -5.17 8.48 -1.52
N ALA A 1 -3.80 5.02 9.77
CA ALA A 1 -4.84 4.24 10.41
C ALA A 1 -5.68 3.54 9.34
N LYS A 2 -5.45 2.24 9.21
CA LYS A 2 -6.17 1.45 8.23
C LYS A 2 -7.58 2.04 8.04
N VAL A 3 -8.15 2.47 9.15
CA VAL A 3 -9.48 3.06 9.12
C VAL A 3 -9.47 4.29 8.22
N ASN A 4 -9.21 5.43 8.84
CA ASN A 4 -9.16 6.69 8.12
C ASN A 4 -8.57 6.44 6.73
N ILE A 5 -7.39 5.85 6.72
CA ILE A 5 -6.71 5.56 5.46
C ILE A 5 -5.96 4.23 5.60
N LYS A 6 -5.06 4.01 4.65
CA LYS A 6 -4.27 2.79 4.65
C LYS A 6 -2.82 3.11 4.28
N PRO A 7 -2.11 3.72 5.27
CA PRO A 7 -0.72 4.10 5.07
C PRO A 7 0.19 2.86 5.12
N LEU A 8 0.15 2.18 6.25
CA LEU A 8 0.97 0.99 6.43
C LEU A 8 0.63 -0.03 5.34
N GLU A 9 -0.65 -0.05 4.97
CA GLU A 9 -1.11 -0.98 3.95
C GLU A 9 -0.34 -0.74 2.65
N ASP A 10 0.35 0.39 2.60
CA ASP A 10 1.14 0.74 1.42
C ASP A 10 2.62 0.48 1.71
N LYS A 11 2.92 0.26 2.98
CA LYS A 11 4.29 0.01 3.39
C LYS A 11 4.48 -1.50 3.61
N ILE A 12 3.37 -2.17 3.89
CA ILE A 12 3.40 -3.60 4.13
C ILE A 12 3.06 -4.33 2.83
N LEU A 13 2.50 -3.58 1.89
CA LEU A 13 2.14 -4.15 0.60
C LEU A 13 3.29 -3.98 -0.37
N VAL A 14 3.70 -2.73 -0.54
CA VAL A 14 4.79 -2.41 -1.45
C VAL A 14 5.88 -3.48 -1.31
N GLN A 15 5.89 -4.12 -0.16
CA GLN A 15 6.86 -5.17 0.11
C GLN A 15 6.48 -6.45 -0.62
N ALA A 16 5.28 -6.94 -0.31
CA ALA A 16 4.78 -8.15 -0.93
C ALA A 16 4.29 -7.84 -2.35
N ASN A 17 4.25 -6.55 -2.66
CA ASN A 17 3.80 -6.12 -3.97
C ASN A 17 5.02 -5.92 -4.88
N GLU A 18 6.13 -5.55 -4.25
CA GLU A 18 7.36 -5.33 -4.99
C GLU A 18 7.50 -3.86 -5.38
N ALA A 19 6.44 -3.11 -5.10
CA ALA A 19 6.44 -1.69 -5.41
C ALA A 19 5.27 -1.38 -6.35
N GLU A 20 4.47 -2.41 -6.60
CA GLU A 20 3.31 -2.26 -7.47
C GLU A 20 2.13 -1.68 -6.69
N THR A 21 1.38 -2.56 -6.07
CA THR A 21 0.22 -2.13 -5.30
C THR A 21 -0.81 -1.46 -6.19
N THR A 22 -1.68 -0.67 -5.56
CA THR A 22 -2.71 0.04 -6.30
C THR A 22 -2.45 1.54 -6.28
N THR A 23 -3.52 2.30 -6.36
CA THR A 23 -3.42 3.75 -6.35
C THR A 23 -2.54 4.22 -5.19
N ALA A 24 -2.19 5.50 -5.24
CA ALA A 24 -1.35 6.06 -4.20
C ALA A 24 -1.66 7.56 -4.07
N SER A 25 -2.94 7.85 -3.90
CA SER A 25 -3.39 9.23 -3.75
C SER A 25 -2.61 9.92 -2.63
#